data_2VWL
#
_entry.id   2VWL
#
_cell.length_a   105.800
_cell.length_b   105.800
_cell.length_c   49.720
_cell.angle_alpha   90.00
_cell.angle_beta   90.00
_cell.angle_gamma   90.00
#
_symmetry.space_group_name_H-M   'P 43 21 2'
#
loop_
_entity.id
_entity.type
_entity.pdbx_description
1 polymer 'ACTIVATED FACTOR XA HEAVY CHAIN'
2 polymer 'FACTOR X LIGHT CHAIN'
3 non-polymer '5-CHLORO-THIOPHENE-2-CARBOXYLIC ACID ((3R,5S)-1-{[2-FLUORO-4-(2-OXO-PYRIDIN-1-YL)-PHENYLCARBAMOYL]-METHYL}-5-HYDROXYMETHYL-PYRROLIDIN-3-YL)-AMIDE'
4 non-polymer 'CHLORIDE ION'
5 non-polymer 'CALCIUM ION'
6 non-polymer 'SODIUM ION'
7 water water
#
loop_
_entity_poly.entity_id
_entity_poly.type
_entity_poly.pdbx_seq_one_letter_code
_entity_poly.pdbx_strand_id
1 'polypeptide(L)'
;IVGGQECKDGECPWQALLINEENEGFCGGTILSEFYILTAAHCLYQAKRFKVRVGDRNTEQEEGGEAVHEVEVVIKHNRF
TKETYDFDIAVLRLKTPITFRMNVAPACLPERDWAESTLMTQKTGIVSGFGRTHEKGEQSTRLKMLEVPYVDRNSCKLSS
SFIITQNMFCAGYDTKQEDACQGDSGGPHVTRFKDTYFVTGIVSWGEGCARKGKYGIYTKVTAFLKWIDRSMKTRGLPKA
K
;
A
2 'polypeptide(L)' RKLCSLDNGDCDQFCHEEQNSVVCSCARGYTLADNGKACIPTGPYPCGKQTLERR L
#
# COMPACT_ATOMS: atom_id res chain seq x y z
N ILE A 1 6.16 5.62 -10.58
CA ILE A 1 6.86 6.44 -9.55
C ILE A 1 7.79 7.43 -10.26
N VAL A 2 7.55 8.72 -10.01
CA VAL A 2 8.42 9.81 -10.53
C VAL A 2 9.46 10.08 -9.44
N GLY A 3 10.74 10.06 -9.81
CA GLY A 3 11.79 10.15 -8.80
C GLY A 3 11.94 8.87 -8.01
N GLY A 4 12.40 8.98 -6.76
CA GLY A 4 12.63 7.79 -5.94
C GLY A 4 13.65 6.87 -6.63
N GLN A 5 13.57 5.57 -6.35
CA GLN A 5 14.54 4.62 -6.87
C GLN A 5 14.00 3.20 -6.89
N GLU A 6 14.78 2.30 -7.47
CA GLU A 6 14.34 0.92 -7.60
C GLU A 6 14.33 0.18 -6.27
N CYS A 7 13.29 -0.62 -6.04
CA CYS A 7 13.29 -1.49 -4.88
C CYS A 7 14.40 -2.51 -5.02
N LYS A 8 15.18 -2.72 -3.97
CA LYS A 8 16.17 -3.78 -3.99
C LYS A 8 15.47 -5.08 -3.66
N ASP A 9 16.15 -6.19 -3.92
CA ASP A 9 15.58 -7.48 -3.65
C ASP A 9 15.10 -7.50 -2.20
N GLY A 10 13.86 -7.92 -1.99
CA GLY A 10 13.30 -8.08 -0.63
C GLY A 10 12.78 -6.80 0.04
N GLU A 11 12.97 -5.68 -0.63
CA GLU A 11 12.71 -4.36 -0.04
C GLU A 11 11.24 -3.93 -0.09
N CYS A 12 10.53 -4.41 -1.09
CA CYS A 12 9.11 -4.05 -1.31
C CYS A 12 8.28 -5.31 -1.54
N PRO A 13 8.32 -6.24 -0.58
CA PRO A 13 7.77 -7.58 -0.79
C PRO A 13 6.24 -7.63 -0.79
N TRP A 14 5.59 -6.61 -0.25
CA TRP A 14 4.13 -6.53 -0.20
C TRP A 14 3.53 -5.99 -1.48
N GLN A 15 4.36 -5.62 -2.45
CA GLN A 15 3.86 -5.13 -3.73
C GLN A 15 3.16 -6.22 -4.53
N ALA A 16 1.98 -5.91 -5.04
CA ALA A 16 1.35 -6.78 -6.00
C ALA A 16 1.08 -5.98 -7.27
N LEU A 17 0.87 -6.66 -8.38
CA LEU A 17 0.71 -5.97 -9.66
C LEU A 17 -0.52 -6.58 -10.31
N LEU A 18 -1.50 -5.74 -10.64
CA LEU A 18 -2.70 -6.21 -11.32
C LEU A 18 -2.38 -6.17 -12.80
N ILE A 19 -2.63 -7.30 -13.48
CA ILE A 19 -2.26 -7.42 -14.89
C ILE A 19 -3.47 -7.68 -15.77
N ASN A 20 -3.51 -6.99 -16.91
CA ASN A 20 -4.68 -7.11 -17.76
C ASN A 20 -4.51 -8.28 -18.72
N GLU A 21 -5.49 -8.50 -19.60
CA GLU A 21 -5.44 -9.68 -20.46
C GLU A 21 -4.34 -9.55 -21.52
N GLU A 22 -3.67 -8.40 -21.56
CA GLU A 22 -2.47 -8.22 -22.37
C GLU A 22 -1.22 -8.59 -21.57
N ASN A 23 -1.42 -8.97 -20.31
CA ASN A 23 -0.33 -9.31 -19.44
C ASN A 23 0.48 -8.06 -19.06
N GLU A 24 -0.14 -6.89 -19.21
CA GLU A 24 0.45 -5.60 -18.82
C GLU A 24 -0.10 -5.15 -17.45
N GLY A 25 0.77 -4.59 -16.62
CA GLY A 25 0.34 -4.07 -15.33
C GLY A 25 -0.43 -2.78 -15.53
N PHE A 26 -1.47 -2.56 -14.74
CA PHE A 26 -2.21 -1.32 -14.88
C PHE A 26 -2.56 -0.68 -13.54
N CYS A 27 -2.28 -1.43 -12.48
CA CYS A 27 -2.53 -0.98 -11.09
C CYS A 27 -1.68 -1.80 -10.16
N GLY A 28 -1.40 -1.24 -8.98
CA GLY A 28 -0.71 -1.97 -7.92
C GLY A 28 -1.71 -2.57 -6.95
N GLY A 29 -1.19 -3.34 -5.99
CA GLY A 29 -1.96 -3.79 -4.86
C GLY A 29 -1.00 -4.05 -3.71
N THR A 30 -1.56 -4.31 -2.53
CA THR A 30 -0.78 -4.67 -1.33
C THR A 30 -1.14 -6.07 -0.85
N ILE A 31 -0.14 -6.91 -0.67
CA ILE A 31 -0.40 -8.22 -0.07
C ILE A 31 -0.78 -8.06 1.39
N LEU A 32 -1.99 -8.49 1.76
CA LEU A 32 -2.44 -8.50 3.17
C LEU A 32 -2.32 -9.89 3.82
N SER A 33 -2.39 -10.93 3.02
CA SER A 33 -2.34 -12.28 3.58
C SER A 33 -2.14 -13.22 2.43
N GLU A 34 -2.10 -14.53 2.69
CA GLU A 34 -1.87 -15.46 1.59
C GLU A 34 -3.02 -15.41 0.60
N PHE A 35 -4.22 -15.04 1.04
CA PHE A 35 -5.38 -14.98 0.14
C PHE A 35 -5.84 -13.57 -0.28
N TYR A 36 -5.39 -12.53 0.40
CA TYR A 36 -5.97 -11.19 0.15
C TYR A 36 -5.03 -10.13 -0.34
N ILE A 37 -5.51 -9.37 -1.34
CA ILE A 37 -4.80 -8.24 -1.91
C ILE A 37 -5.68 -7.02 -1.67
N LEU A 38 -5.05 -5.94 -1.19
CA LEU A 38 -5.71 -4.64 -1.04
C LEU A 38 -5.41 -3.78 -2.27
N THR A 39 -6.42 -3.16 -2.84
CA THR A 39 -6.21 -2.30 -3.99
C THR A 39 -7.20 -1.14 -3.96
N ALA A 40 -7.21 -0.34 -5.02
CA ALA A 40 -8.10 0.80 -5.09
C ALA A 40 -9.35 0.33 -5.78
N ALA A 41 -10.52 0.77 -5.33
CA ALA A 41 -11.71 0.50 -6.11
C ALA A 41 -11.64 1.01 -7.57
N HIS A 42 -11.05 2.19 -7.82
CA HIS A 42 -11.04 2.70 -9.21
C HIS A 42 -10.29 1.75 -10.16
N CYS A 43 -9.40 0.93 -9.64
CA CYS A 43 -8.64 0.00 -10.49
C CYS A 43 -9.55 -1.06 -11.13
N LEU A 44 -10.70 -1.31 -10.53
CA LEU A 44 -11.59 -2.38 -10.97
C LEU A 44 -12.33 -1.98 -12.23
N TYR A 45 -12.23 -0.70 -12.60
CA TYR A 45 -12.95 -0.11 -13.72
C TYR A 45 -12.14 -0.19 -15.01
N GLN A 46 -10.91 -0.62 -14.90
CA GLN A 46 -10.03 -0.62 -16.06
C GLN A 46 -10.14 -1.93 -16.86
N ALA A 47 -9.42 -2.97 -16.48
CA ALA A 47 -9.57 -4.26 -17.15
C ALA A 47 -10.80 -5.01 -16.66
N LYS A 48 -11.62 -5.51 -17.58
CA LYS A 48 -12.77 -6.30 -17.16
C LYS A 48 -12.27 -7.57 -16.51
N ARG A 49 -11.16 -8.06 -17.00
CA ARG A 49 -10.57 -9.26 -16.44
C ARG A 49 -9.10 -9.03 -16.14
N PHE A 50 -8.68 -9.38 -14.93
CA PHE A 50 -7.30 -9.16 -14.59
C PHE A 50 -6.83 -10.24 -13.64
N LYS A 51 -5.52 -10.38 -13.51
CA LYS A 51 -4.94 -11.34 -12.58
C LYS A 51 -3.95 -10.56 -11.74
N VAL A 52 -3.37 -11.22 -10.76
CA VAL A 52 -2.42 -10.60 -9.88
C VAL A 52 -1.07 -11.30 -9.98
N ARG A 53 -0.02 -10.51 -10.14
CA ARG A 53 1.35 -11.04 -10.12
C ARG A 53 2.05 -10.58 -8.86
N VAL A 54 2.67 -11.52 -8.17
CA VAL A 54 3.46 -11.21 -6.97
C VAL A 54 4.92 -11.57 -7.28
N GLY A 55 5.81 -11.03 -6.47
CA GLY A 55 7.24 -11.30 -6.59
C GLY A 55 7.97 -10.69 -7.77
N ASP A 56 7.30 -9.91 -8.60
CA ASP A 56 7.98 -9.35 -9.78
C ASP A 56 8.74 -8.06 -9.46
N ARG A 57 9.92 -7.87 -10.03
CA ARG A 57 10.71 -6.67 -9.79
C ARG A 57 11.12 -6.03 -11.09
N ASN A 58 11.08 -6.83 -12.15
CA ASN A 58 11.41 -6.33 -13.46
C ASN A 58 10.46 -6.93 -14.45
N THR A 59 9.56 -6.13 -15.01
CA THR A 59 8.53 -6.70 -15.88
C THR A 59 9.09 -7.18 -17.23
N GLU A 60 10.34 -6.88 -17.54
CA GLU A 60 10.90 -7.34 -18.82
C GLU A 60 11.61 -8.70 -18.77
N GLN A 61 11.97 -9.15 -17.57
CA GLN A 61 12.66 -10.44 -17.40
C GLN A 61 11.88 -11.34 -16.45
N GLU A 62 11.72 -12.61 -16.77
CA GLU A 62 11.10 -13.51 -15.82
C GLU A 62 12.16 -13.99 -14.82
N GLU A 63 12.04 -13.58 -13.57
CA GLU A 63 13.01 -13.96 -12.53
C GLU A 63 12.39 -14.80 -11.42
N GLY A 64 13.21 -15.60 -10.74
CA GLY A 64 12.68 -16.49 -9.73
C GLY A 64 11.82 -15.73 -8.73
N GLY A 65 10.74 -16.34 -8.27
CA GLY A 65 9.91 -15.67 -7.30
C GLY A 65 8.62 -15.15 -7.88
N GLU A 66 8.59 -14.82 -9.16
CA GLU A 66 7.33 -14.44 -9.79
C GLU A 66 6.26 -15.52 -9.77
N ALA A 67 5.04 -15.14 -9.39
CA ALA A 67 3.93 -16.04 -9.49
C ALA A 67 2.67 -15.27 -9.88
N VAL A 68 1.79 -15.96 -10.58
CA VAL A 68 0.54 -15.38 -11.02
C VAL A 68 -0.63 -16.02 -10.29
N HIS A 69 -1.60 -15.20 -9.88
CA HIS A 69 -2.76 -15.67 -9.15
C HIS A 69 -4.05 -15.18 -9.76
N GLU A 70 -5.04 -16.06 -9.90
CA GLU A 70 -6.35 -15.65 -10.36
C GLU A 70 -7.14 -15.11 -9.18
N VAL A 71 -8.05 -14.17 -9.47
CA VAL A 71 -8.88 -13.57 -8.43
C VAL A 71 -10.18 -14.31 -8.37
N GLU A 72 -10.54 -14.75 -7.17
CA GLU A 72 -11.80 -15.46 -6.95
C GLU A 72 -12.99 -14.54 -6.66
N VAL A 73 -12.78 -13.52 -5.83
CA VAL A 73 -13.85 -12.64 -5.40
C VAL A 73 -13.31 -11.22 -5.36
N VAL A 74 -14.10 -10.26 -5.85
CA VAL A 74 -13.71 -8.86 -5.77
C VAL A 74 -14.68 -8.26 -4.79
N ILE A 75 -14.13 -7.57 -3.78
CA ILE A 75 -14.92 -6.91 -2.78
C ILE A 75 -14.59 -5.44 -2.89
N LYS A 76 -15.47 -4.71 -3.57
N LYS A 76 -15.47 -4.71 -3.57
CA LYS A 76 -15.27 -3.27 -3.82
CA LYS A 76 -15.27 -3.28 -3.82
C LYS A 76 -16.15 -2.47 -2.87
C LYS A 76 -16.11 -2.52 -2.80
N HIS A 77 -15.60 -1.41 -2.27
CA HIS A 77 -16.40 -0.64 -1.33
C HIS A 77 -17.68 -0.15 -2.02
N ASN A 78 -18.84 -0.46 -1.43
CA ASN A 78 -20.16 -0.06 -1.96
C ASN A 78 -20.32 1.43 -2.23
N ARG A 79 -19.55 2.26 -1.53
CA ARG A 79 -19.69 3.73 -1.61
C ARG A 79 -18.72 4.43 -2.54
N PHE A 80 -17.80 3.68 -3.13
CA PHE A 80 -16.94 4.32 -4.09
C PHE A 80 -17.72 4.85 -5.30
N THR A 81 -17.31 6.02 -5.77
CA THR A 81 -17.88 6.55 -7.02
C THR A 81 -16.80 7.44 -7.62
N LYS A 82 -16.72 7.42 -8.95
CA LYS A 82 -15.79 8.27 -9.65
C LYS A 82 -16.14 9.74 -9.59
N GLU A 83 -17.37 10.06 -9.19
CA GLU A 83 -17.75 11.47 -8.99
C GLU A 83 -16.83 12.14 -7.96
N THR A 84 -16.51 11.39 -6.90
CA THR A 84 -15.75 11.93 -5.78
C THR A 84 -14.42 11.23 -5.53
N TYR A 85 -14.25 10.04 -6.08
CA TYR A 85 -13.10 9.16 -5.70
C TYR A 85 -13.05 8.84 -4.19
N ASP A 86 -14.17 9.04 -3.50
CA ASP A 86 -14.24 8.74 -2.09
C ASP A 86 -14.39 7.23 -1.94
N PHE A 87 -13.95 6.70 -0.80
CA PHE A 87 -14.02 5.24 -0.51
C PHE A 87 -13.31 4.42 -1.58
N ASP A 88 -12.09 4.80 -1.93
CA ASP A 88 -11.39 4.20 -3.09
C ASP A 88 -10.59 3.02 -2.54
N ILE A 89 -11.32 1.95 -2.24
CA ILE A 89 -10.74 0.76 -1.63
C ILE A 89 -11.45 -0.49 -2.15
N ALA A 90 -10.67 -1.56 -2.37
CA ALA A 90 -11.23 -2.87 -2.65
C ALA A 90 -10.30 -3.92 -2.08
N VAL A 91 -10.86 -5.10 -1.84
CA VAL A 91 -10.07 -6.24 -1.41
C VAL A 91 -10.27 -7.34 -2.44
N LEU A 92 -9.21 -8.07 -2.77
CA LEU A 92 -9.34 -9.20 -3.73
C LEU A 92 -9.02 -10.47 -2.98
N ARG A 93 -9.92 -11.44 -3.03
CA ARG A 93 -9.61 -12.80 -2.57
C ARG A 93 -9.13 -13.62 -3.76
N LEU A 94 -7.95 -14.20 -3.60
CA LEU A 94 -7.34 -14.98 -4.66
C LEU A 94 -7.87 -16.40 -4.62
N LYS A 95 -7.86 -17.08 -5.76
CA LYS A 95 -8.35 -18.45 -5.84
C LYS A 95 -7.43 -19.43 -5.13
N THR A 96 -6.13 -19.16 -5.17
CA THR A 96 -5.12 -20.00 -4.53
C THR A 96 -4.23 -19.14 -3.63
N PRO A 97 -3.75 -19.69 -2.51
CA PRO A 97 -2.93 -18.93 -1.56
C PRO A 97 -1.54 -18.59 -2.07
N ILE A 98 -1.11 -17.35 -1.83
CA ILE A 98 0.27 -16.92 -2.06
C ILE A 98 1.23 -17.66 -1.16
N THR A 99 2.31 -18.17 -1.73
CA THR A 99 3.40 -18.71 -0.90
C THR A 99 4.39 -17.60 -0.56
N PHE A 100 4.51 -17.26 0.70
CA PHE A 100 5.45 -16.19 1.05
C PHE A 100 6.88 -16.67 0.82
N ARG A 101 7.71 -15.77 0.35
CA ARG A 101 9.10 -16.08 0.04
C ARG A 101 9.86 -14.76 -0.13
N MET A 102 11.12 -14.85 -0.57
CA MET A 102 11.86 -13.65 -0.91
C MET A 102 11.02 -12.77 -1.85
N ASN A 103 10.81 -11.52 -1.47
CA ASN A 103 10.07 -10.58 -2.30
C ASN A 103 8.56 -10.77 -2.31
N VAL A 104 8.08 -11.62 -1.42
CA VAL A 104 6.66 -11.88 -1.31
C VAL A 104 6.26 -12.10 0.14
N ALA A 105 5.69 -11.07 0.75
CA ALA A 105 5.34 -11.10 2.16
C ALA A 105 4.37 -9.95 2.41
N PRO A 106 3.46 -10.13 3.36
CA PRO A 106 2.39 -9.16 3.50
C PRO A 106 2.88 -7.99 4.32
N ALA A 107 2.19 -6.87 4.15
CA ALA A 107 2.35 -5.71 4.99
C ALA A 107 1.40 -5.85 6.19
N CYS A 108 1.78 -5.29 7.33
CA CYS A 108 0.98 -5.39 8.52
C CYS A 108 -0.17 -4.40 8.52
N LEU A 109 -1.35 -4.88 8.88
CA LEU A 109 -2.50 -4.05 9.23
C LEU A 109 -2.33 -3.57 10.69
N PRO A 110 -2.36 -2.27 10.90
CA PRO A 110 -2.27 -1.75 12.27
C PRO A 110 -3.64 -1.78 12.95
N GLU A 111 -3.65 -1.60 14.26
CA GLU A 111 -4.87 -1.39 15.03
C GLU A 111 -5.31 0.08 14.85
N ARG A 112 -6.61 0.32 14.73
CA ARG A 112 -7.06 1.63 14.25
C ARG A 112 -6.61 2.81 15.11
N ASP A 113 -6.97 2.78 16.38
CA ASP A 113 -6.71 3.94 17.23
C ASP A 113 -5.22 4.23 17.35
N TRP A 114 -4.43 3.16 17.44
CA TRP A 114 -2.99 3.29 17.48
C TRP A 114 -2.43 3.79 16.13
N ALA A 115 -3.01 3.33 15.02
CA ALA A 115 -2.55 3.82 13.72
C ALA A 115 -2.75 5.34 13.65
N GLU A 116 -3.92 5.79 14.07
CA GLU A 116 -4.27 7.22 14.00
C GLU A 116 -3.32 8.06 14.81
N SER A 117 -2.98 7.58 16.00
CA SER A 117 -2.18 8.37 16.91
C SER A 117 -0.68 8.20 16.66
N THR A 118 -0.30 7.05 16.12
CA THR A 118 1.13 6.70 16.04
C THR A 118 1.74 6.61 14.63
N LEU A 119 0.96 6.14 13.66
CA LEU A 119 1.50 6.01 12.31
C LEU A 119 1.19 7.23 11.48
N MET A 120 -0.06 7.67 11.53
CA MET A 120 -0.48 8.81 10.73
C MET A 120 0.26 10.08 11.18
N THR A 121 0.99 9.96 12.28
CA THR A 121 1.72 11.13 12.81
C THR A 121 3.19 11.07 12.50
N GLN A 122 3.63 10.00 11.84
CA GLN A 122 5.01 9.86 11.38
C GLN A 122 5.31 10.89 10.31
N LYS A 123 6.58 11.20 10.10
CA LYS A 123 6.93 12.22 9.11
C LYS A 123 6.66 11.72 7.67
N THR A 124 7.01 10.47 7.40
CA THR A 124 6.92 9.95 6.03
C THR A 124 6.32 8.55 5.96
N GLY A 125 5.99 8.16 4.75
CA GLY A 125 5.59 6.81 4.43
C GLY A 125 6.29 6.45 3.13
N ILE A 126 6.10 5.22 2.67
CA ILE A 126 6.79 4.77 1.47
C ILE A 126 5.76 4.29 0.46
N VAL A 127 5.84 4.81 -0.76
CA VAL A 127 4.97 4.38 -1.83
C VAL A 127 5.80 3.63 -2.90
N SER A 128 5.18 2.64 -3.54
CA SER A 128 5.91 1.88 -4.55
C SER A 128 5.00 1.45 -5.69
N GLY A 129 5.61 1.14 -6.83
CA GLY A 129 4.86 0.63 -7.95
C GLY A 129 5.66 0.61 -9.24
N PHE A 130 4.97 0.16 -10.29
CA PHE A 130 5.52 0.06 -11.63
C PHE A 130 5.01 1.15 -12.55
N GLY A 131 4.40 2.20 -12.01
CA GLY A 131 3.80 3.22 -12.88
C GLY A 131 4.78 4.14 -13.58
N ARG A 132 4.27 5.10 -14.35
CA ARG A 132 5.12 6.01 -15.13
C ARG A 132 6.19 6.72 -14.30
N THR A 133 7.32 7.01 -14.95
CA THR A 133 8.46 7.59 -14.29
C THR A 133 8.40 9.09 -14.53
N HIS A 134 7.47 9.50 -15.38
CA HIS A 134 7.19 10.92 -15.61
C HIS A 134 5.73 11.01 -16.01
N GLU A 135 5.08 12.13 -15.71
CA GLU A 135 3.68 12.27 -16.04
C GLU A 135 3.22 11.76 -17.42
N LYS A 136 3.91 12.16 -18.48
CA LYS A 136 3.42 11.83 -19.81
C LYS A 136 4.08 10.58 -20.39
N GLY A 137 5.08 10.07 -19.66
CA GLY A 137 5.95 9.00 -20.13
C GLY A 137 5.46 7.57 -19.98
N GLU A 138 6.43 6.65 -20.03
CA GLU A 138 6.15 5.22 -20.05
C GLU A 138 6.19 4.65 -18.64
N GLN A 139 5.49 3.53 -18.46
CA GLN A 139 5.53 2.81 -17.21
C GLN A 139 6.89 2.23 -16.99
N SER A 140 7.27 2.13 -15.72
CA SER A 140 8.58 1.62 -15.33
C SER A 140 8.65 0.09 -15.48
N THR A 141 9.70 -0.42 -16.11
CA THR A 141 9.81 -1.86 -16.18
C THR A 141 10.31 -2.44 -14.85
N ARG A 142 10.80 -1.57 -13.98
CA ARG A 142 11.37 -1.98 -12.69
C ARG A 142 10.51 -1.48 -11.53
N LEU A 143 10.40 -2.29 -10.48
CA LEU A 143 9.65 -1.84 -9.29
C LEU A 143 10.42 -0.70 -8.60
N LYS A 144 9.72 0.43 -8.38
CA LYS A 144 10.28 1.62 -7.73
C LYS A 144 9.59 1.89 -6.39
N MET A 145 10.30 2.56 -5.49
CA MET A 145 9.73 3.04 -4.23
C MET A 145 10.10 4.51 -4.06
N LEU A 146 9.40 5.19 -3.16
CA LEU A 146 9.61 6.62 -2.99
C LEU A 146 9.20 6.98 -1.58
N GLU A 147 10.06 7.69 -0.86
CA GLU A 147 9.68 8.17 0.47
C GLU A 147 8.84 9.44 0.29
N VAL A 148 7.66 9.46 0.88
CA VAL A 148 6.79 10.62 0.71
C VAL A 148 6.36 11.18 2.07
N PRO A 149 6.60 12.47 2.29
CA PRO A 149 6.20 13.06 3.56
C PRO A 149 4.68 13.12 3.67
N TYR A 150 4.15 12.88 4.85
CA TYR A 150 2.76 13.21 5.11
C TYR A 150 2.60 14.74 4.93
N VAL A 151 1.50 15.15 4.31
CA VAL A 151 1.21 16.55 4.04
C VAL A 151 -0.03 16.97 4.84
N ASP A 152 0.03 18.15 5.45
CA ASP A 152 -1.03 18.65 6.30
C ASP A 152 -2.36 18.67 5.52
N ARG A 153 -3.44 18.20 6.13
CA ARG A 153 -4.74 18.08 5.42
C ARG A 153 -5.22 19.43 4.88
N ASN A 154 -4.98 20.51 5.61
CA ASN A 154 -5.52 21.79 5.16
C ASN A 154 -4.68 22.35 4.03
N SER A 155 -3.38 22.19 4.12
CA SER A 155 -2.52 22.60 3.03
C SER A 155 -2.94 21.80 1.77
N CYS A 156 -3.23 20.53 1.96
CA CYS A 156 -3.69 19.73 0.84
C CYS A 156 -5.01 20.22 0.26
N LYS A 157 -5.99 20.45 1.12
CA LYS A 157 -7.28 20.93 0.63
C LYS A 157 -7.12 22.19 -0.22
N LEU A 158 -6.31 23.12 0.26
CA LEU A 158 -6.06 24.37 -0.45
C LEU A 158 -5.44 24.15 -1.80
N SER A 159 -4.60 23.13 -1.90
CA SER A 159 -3.89 22.81 -3.13
C SER A 159 -4.74 22.09 -4.15
N SER A 160 -5.84 21.48 -3.71
CA SER A 160 -6.58 20.54 -4.54
C SER A 160 -7.78 21.16 -5.24
N SER A 161 -7.94 20.81 -6.52
CA SER A 161 -9.10 21.22 -7.30
C SER A 161 -10.33 20.49 -6.80
N PHE A 162 -10.13 19.37 -6.12
CA PHE A 162 -11.25 18.48 -5.69
C PHE A 162 -11.30 18.31 -4.19
N ILE A 163 -12.45 17.89 -3.68
CA ILE A 163 -12.68 17.72 -2.24
C ILE A 163 -11.83 16.59 -1.69
N ILE A 164 -11.10 16.86 -0.61
CA ILE A 164 -10.30 15.84 0.11
C ILE A 164 -11.20 15.40 1.26
N THR A 165 -11.63 14.13 1.27
CA THR A 165 -12.52 13.64 2.31
C THR A 165 -11.72 13.00 3.45
N GLN A 166 -12.43 12.69 4.54
CA GLN A 166 -11.88 11.96 5.67
C GLN A 166 -11.30 10.58 5.32
N ASN A 167 -11.72 10.01 4.19
CA ASN A 167 -11.19 8.74 3.75
C ASN A 167 -9.95 8.85 2.87
N MET A 168 -9.36 10.04 2.84
CA MET A 168 -8.16 10.37 2.04
C MET A 168 -7.15 11.04 2.93
N PHE A 169 -5.87 10.93 2.57
CA PHE A 169 -4.83 11.81 3.10
C PHE A 169 -3.83 12.14 1.99
N CYS A 170 -3.02 13.17 2.19
CA CYS A 170 -2.14 13.65 1.14
C CYS A 170 -0.71 13.38 1.53
N ALA A 171 0.13 13.15 0.55
CA ALA A 171 1.54 12.84 0.86
C ALA A 171 2.34 13.22 -0.35
N GLY A 172 3.60 13.57 -0.16
CA GLY A 172 4.43 13.93 -1.28
C GLY A 172 5.04 15.30 -1.10
N TYR A 173 5.25 15.99 -2.21
CA TYR A 173 5.96 17.27 -2.20
C TYR A 173 5.26 18.34 -3.00
N ASP A 174 5.36 19.55 -2.45
CA ASP A 174 4.89 20.75 -3.14
C ASP A 174 5.51 20.88 -4.51
N THR A 175 6.84 21.04 -4.58
CA THR A 175 7.49 21.35 -5.85
C THR A 175 8.54 20.33 -6.28
N LYS A 176 9.13 19.65 -5.31
CA LYS A 176 10.15 18.65 -5.63
C LYS A 176 9.53 17.64 -6.58
N GLN A 177 10.30 17.21 -7.58
CA GLN A 177 9.72 16.34 -8.61
C GLN A 177 9.76 14.85 -8.26
N GLU A 178 8.96 14.47 -7.27
CA GLU A 178 8.81 13.10 -6.82
C GLU A 178 7.36 12.88 -6.40
N ASP A 179 6.81 11.74 -6.79
CA ASP A 179 5.40 11.48 -6.56
C ASP A 179 5.08 10.10 -7.15
N ALA A 180 3.91 9.59 -6.84
CA ALA A 180 3.42 8.40 -7.53
C ALA A 180 2.89 8.90 -8.85
N CYS A 181 2.59 7.99 -9.75
CA CYS A 181 2.06 8.39 -11.05
C CYS A 181 1.14 7.34 -11.65
N GLN A 182 0.72 7.57 -12.89
CA GLN A 182 -0.22 6.66 -13.56
C GLN A 182 0.36 5.26 -13.57
N GLY A 183 -0.42 4.29 -13.12
CA GLY A 183 0.03 2.92 -13.07
C GLY A 183 0.39 2.45 -11.68
N ASP A 184 0.60 3.41 -10.78
CA ASP A 184 0.95 3.11 -9.39
C ASP A 184 -0.31 2.99 -8.52
N SER A 185 -1.43 3.54 -8.98
N SER A 185 -1.44 3.47 -9.05
CA SER A 185 -2.61 3.53 -8.12
CA SER A 185 -2.74 3.38 -8.39
C SER A 185 -3.03 2.11 -7.83
C SER A 185 -3.03 2.00 -7.84
N GLY A 186 -3.65 1.94 -6.66
CA GLY A 186 -4.00 0.65 -6.10
C GLY A 186 -2.89 0.11 -5.21
N GLY A 187 -1.67 0.63 -5.39
CA GLY A 187 -0.48 0.08 -4.78
C GLY A 187 -0.29 0.52 -3.34
N PRO A 188 0.78 0.04 -2.69
CA PRO A 188 0.97 0.31 -1.27
C PRO A 188 1.45 1.68 -0.90
N HIS A 189 0.93 2.17 0.21
CA HIS A 189 1.57 3.21 0.97
C HIS A 189 1.73 2.60 2.35
N VAL A 190 2.98 2.44 2.79
CA VAL A 190 3.24 1.84 4.10
C VAL A 190 4.09 2.80 4.95
N THR A 191 3.92 2.68 6.26
CA THR A 191 4.63 3.49 7.22
C THR A 191 5.40 2.58 8.16
N ARG A 192 6.70 2.85 8.26
CA ARG A 192 7.59 2.09 9.13
C ARG A 192 7.42 2.64 10.53
N PHE A 193 7.14 1.76 11.48
CA PHE A 193 7.25 2.11 12.87
C PHE A 193 8.27 1.20 13.49
N LYS A 194 9.36 1.79 13.99
CA LYS A 194 10.47 1.01 14.52
C LYS A 194 10.91 0.03 13.45
N ASP A 195 10.73 -1.27 13.70
CA ASP A 195 11.23 -2.29 12.75
C ASP A 195 10.16 -2.93 11.83
N THR A 196 8.98 -2.35 11.76
CA THR A 196 7.86 -3.00 11.06
C THR A 196 7.15 -2.00 10.14
N TYR A 197 6.70 -2.47 8.97
CA TYR A 197 6.00 -1.62 7.98
C TYR A 197 4.52 -1.94 8.01
N PHE A 198 3.69 -0.92 8.23
CA PHE A 198 2.27 -1.12 8.37
C PHE A 198 1.60 -0.43 7.19
N VAL A 199 0.58 -1.07 6.62
CA VAL A 199 -0.07 -0.47 5.46
C VAL A 199 -0.93 0.70 5.96
N THR A 200 -0.62 1.88 5.43
CA THR A 200 -1.32 3.10 5.87
C THR A 200 -2.14 3.74 4.74
N GLY A 201 -1.85 3.40 3.48
CA GLY A 201 -2.57 4.03 2.39
C GLY A 201 -2.70 3.17 1.16
N ILE A 202 -3.56 3.62 0.25
CA ILE A 202 -3.66 2.99 -1.07
C ILE A 202 -3.45 4.14 -2.04
N VAL A 203 -2.48 3.96 -2.96
CA VAL A 203 -2.27 5.00 -3.95
C VAL A 203 -3.58 5.27 -4.66
N SER A 204 -4.06 6.52 -4.62
CA SER A 204 -5.44 6.73 -5.14
C SER A 204 -5.51 7.65 -6.36
N TRP A 205 -5.07 8.89 -6.21
CA TRP A 205 -5.15 9.84 -7.34
C TRP A 205 -4.28 11.05 -7.16
N GLY A 206 -4.09 11.77 -8.26
CA GLY A 206 -3.36 13.03 -8.25
C GLY A 206 -3.72 13.80 -9.50
N GLU A 207 -3.59 15.12 -9.43
CA GLU A 207 -3.79 16.00 -10.56
C GLU A 207 -2.49 16.02 -11.34
N GLY A 208 -2.35 15.09 -12.27
CA GLY A 208 -1.03 14.89 -12.92
C GLY A 208 -0.11 14.04 -12.05
N CYS A 209 1.19 14.19 -12.23
CA CYS A 209 2.17 13.58 -11.34
C CYS A 209 3.26 14.58 -11.04
N ALA A 210 3.56 14.74 -9.76
CA ALA A 210 4.65 15.56 -9.32
C ALA A 210 4.52 17.01 -9.77
N ARG A 211 3.27 17.46 -9.99
CA ARG A 211 3.03 18.85 -10.35
C ARG A 211 3.31 19.81 -9.20
N LYS A 212 3.89 20.96 -9.55
CA LYS A 212 4.12 22.00 -8.58
C LYS A 212 2.77 22.40 -7.96
N GLY A 213 2.76 22.50 -6.65
CA GLY A 213 1.55 22.87 -5.94
C GLY A 213 0.48 21.81 -5.85
N LYS A 214 0.82 20.55 -6.18
N LYS A 214 0.83 20.56 -6.16
CA LYS A 214 -0.11 19.44 -6.04
CA LYS A 214 -0.09 19.43 -6.03
C LYS A 214 0.56 18.29 -5.30
C LYS A 214 0.58 18.30 -5.27
N TYR A 215 -0.24 17.51 -4.58
CA TYR A 215 0.26 16.36 -3.81
C TYR A 215 -0.33 15.02 -4.28
N GLY A 216 0.17 13.94 -3.71
CA GLY A 216 -0.41 12.63 -4.01
C GLY A 216 -1.55 12.36 -3.02
N ILE A 217 -2.64 11.79 -3.49
CA ILE A 217 -3.79 11.54 -2.64
C ILE A 217 -3.95 10.03 -2.49
N TYR A 218 -4.12 9.63 -1.23
CA TYR A 218 -4.14 8.22 -0.85
C TYR A 218 -5.39 7.91 -0.09
N THR A 219 -5.90 6.70 -0.28
CA THR A 219 -7.01 6.25 0.58
C THR A 219 -6.46 6.06 1.98
N LYS A 220 -7.16 6.60 2.99
CA LYS A 220 -6.70 6.48 4.35
C LYS A 220 -7.14 5.12 4.92
N VAL A 221 -6.20 4.20 4.99
CA VAL A 221 -6.49 2.84 5.41
C VAL A 221 -7.05 2.77 6.84
N THR A 222 -6.61 3.64 7.74
CA THR A 222 -7.17 3.62 9.10
C THR A 222 -8.69 3.75 9.09
N ALA A 223 -9.23 4.50 8.14
CA ALA A 223 -10.70 4.66 8.06
C ALA A 223 -11.45 3.38 7.72
N PHE A 224 -10.74 2.36 7.23
CA PHE A 224 -11.35 1.18 6.68
C PHE A 224 -10.85 -0.10 7.33
N LEU A 225 -10.16 0.03 8.45
CA LEU A 225 -9.66 -1.20 9.11
C LEU A 225 -10.76 -2.21 9.48
N LYS A 226 -11.89 -1.74 9.98
CA LYS A 226 -13.00 -2.67 10.24
C LYS A 226 -13.60 -3.27 8.98
N TRP A 227 -13.69 -2.46 7.94
CA TRP A 227 -14.19 -2.89 6.64
C TRP A 227 -13.30 -3.96 6.02
N ILE A 228 -12.00 -3.74 6.12
CA ILE A 228 -11.02 -4.68 5.59
C ILE A 228 -11.17 -5.97 6.36
N ASP A 229 -11.28 -5.83 7.69
N ASP A 229 -11.28 -5.83 7.69
CA ASP A 229 -11.48 -6.96 8.56
CA ASP A 229 -11.45 -7.00 8.54
C ASP A 229 -12.67 -7.79 8.10
C ASP A 229 -12.70 -7.81 8.19
N ARG A 230 -13.82 -7.14 7.94
CA ARG A 230 -15.04 -7.85 7.54
C ARG A 230 -14.91 -8.45 6.14
N SER A 231 -14.22 -7.72 5.27
CA SER A 231 -14.07 -8.18 3.90
C SER A 231 -13.21 -9.45 3.86
N MET A 232 -12.20 -9.53 4.71
CA MET A 232 -11.32 -10.69 4.73
C MET A 232 -11.94 -11.91 5.40
N LYS A 233 -13.02 -11.69 6.11
CA LYS A 233 -13.65 -12.77 6.85
C LYS A 233 -14.88 -13.35 6.17
N THR A 234 -15.42 -12.64 5.17
CA THR A 234 -16.66 -13.06 4.55
C THR A 234 -16.50 -14.36 3.75
N ARG A 235 -17.38 -15.23 3.73
N CYS B 4 0.74 6.08 26.51
CA CYS B 4 1.40 5.52 25.31
C CYS B 4 2.15 6.59 24.55
N SER B 5 2.06 7.82 25.04
CA SER B 5 2.78 8.92 24.42
C SER B 5 4.21 8.94 24.91
N ASP B 7 7.15 7.57 24.47
CA ASP B 7 8.00 6.68 23.68
C ASP B 7 7.26 5.40 23.28
N ASN B 8 5.97 5.53 22.97
CA ASN B 8 5.11 4.41 22.58
C ASN B 8 5.00 3.32 23.65
N GLY B 9 5.12 3.71 24.92
CA GLY B 9 4.99 2.78 26.04
C GLY B 9 6.12 1.77 26.03
N ASP B 10 7.20 2.15 25.35
CA ASP B 10 8.36 1.27 25.09
C ASP B 10 8.00 0.03 24.27
N CYS B 11 6.85 0.06 23.60
CA CYS B 11 6.38 -1.08 22.81
C CYS B 11 7.03 -1.16 21.44
N ASP B 12 7.27 -2.39 21.00
CA ASP B 12 7.83 -2.63 19.68
C ASP B 12 6.77 -2.37 18.59
N GLN B 13 5.53 -2.74 18.87
CA GLN B 13 4.42 -2.46 17.95
C GLN B 13 3.29 -1.66 18.62
N PHE B 14 2.14 -2.29 18.86
CA PHE B 14 0.96 -1.60 19.35
C PHE B 14 1.09 -1.25 20.85
N CYS B 15 0.33 -0.25 21.31
CA CYS B 15 0.38 0.17 22.72
C CYS B 15 -0.99 0.31 23.39
N VAL B 22 0.03 0.94 30.63
CA VAL B 22 0.71 0.61 29.38
C VAL B 22 0.62 -0.87 29.07
N VAL B 23 0.33 -1.20 27.82
CA VAL B 23 0.22 -2.59 27.40
C VAL B 23 0.57 -2.75 25.93
N CYS B 24 1.69 -3.41 25.67
CA CYS B 24 2.17 -3.62 24.30
C CYS B 24 1.47 -4.81 23.66
N SER B 25 1.38 -4.80 22.32
CA SER B 25 0.90 -5.95 21.57
C SER B 25 1.46 -5.91 20.16
N CYS B 26 1.16 -6.92 19.36
CA CYS B 26 1.79 -7.07 18.05
C CYS B 26 0.77 -7.49 17.00
N ALA B 27 1.11 -7.26 15.73
CA ALA B 27 0.26 -7.66 14.62
C ALA B 27 0.19 -9.17 14.48
N ARG B 28 -0.72 -9.64 13.64
CA ARG B 28 -0.82 -11.04 13.31
C ARG B 28 0.52 -11.58 12.86
N GLY B 29 0.86 -12.81 13.29
CA GLY B 29 2.10 -13.45 12.90
C GLY B 29 3.27 -13.12 13.83
N TYR B 30 2.94 -12.48 14.96
CA TYR B 30 3.93 -12.13 16.00
C TYR B 30 3.35 -12.50 17.36
N THR B 31 4.24 -12.75 18.32
CA THR B 31 3.85 -12.83 19.72
C THR B 31 4.68 -11.84 20.52
N LEU B 32 4.06 -11.27 21.54
CA LEU B 32 4.79 -10.41 22.46
C LEU B 32 5.79 -11.27 23.19
N ALA B 33 7.03 -10.77 23.26
CA ALA B 33 8.12 -11.44 23.97
C ALA B 33 7.91 -11.42 25.48
N ASP B 34 8.66 -12.26 26.17
CA ASP B 34 8.61 -12.32 27.61
C ASP B 34 8.69 -10.93 28.25
N ASN B 35 9.64 -10.11 27.79
CA ASN B 35 9.78 -8.73 28.31
C ASN B 35 8.47 -7.95 28.25
N GLY B 36 7.62 -8.29 27.30
CA GLY B 36 6.31 -7.66 27.23
C GLY B 36 6.33 -6.39 26.41
N LYS B 37 7.44 -6.15 25.73
CA LYS B 37 7.56 -4.97 24.88
C LYS B 37 7.91 -5.33 23.44
N ALA B 38 8.84 -6.27 23.27
CA ALA B 38 9.24 -6.70 21.93
C ALA B 38 8.24 -7.64 21.27
N CYS B 39 8.35 -7.76 19.94
CA CYS B 39 7.47 -8.65 19.19
C CYS B 39 8.30 -9.70 18.47
N ILE B 40 7.89 -10.95 18.58
CA ILE B 40 8.64 -12.04 17.95
C ILE B 40 7.83 -12.67 16.84
N PRO B 41 8.41 -12.74 15.63
CA PRO B 41 7.76 -13.39 14.50
C PRO B 41 7.65 -14.88 14.73
N THR B 42 6.52 -15.46 14.37
CA THR B 42 6.33 -16.88 14.49
C THR B 42 6.78 -17.67 13.25
N GLY B 43 6.67 -17.08 12.06
CA GLY B 43 7.16 -17.73 10.85
C GLY B 43 8.32 -17.01 10.19
N PRO B 44 8.78 -17.53 9.04
CA PRO B 44 9.90 -16.94 8.32
C PRO B 44 9.54 -15.63 7.59
N TYR B 45 8.26 -15.42 7.31
CA TYR B 45 7.84 -14.23 6.56
C TYR B 45 6.75 -13.45 7.27
N PRO B 46 7.08 -12.88 8.44
CA PRO B 46 6.10 -12.11 9.20
C PRO B 46 5.74 -10.84 8.46
N CYS B 47 4.53 -10.35 8.69
CA CYS B 47 4.09 -9.15 8.00
C CYS B 47 5.06 -8.01 8.29
N GLY B 48 5.25 -7.16 7.30
CA GLY B 48 5.88 -5.87 7.53
C GLY B 48 7.38 -5.89 7.71
N LYS B 49 7.99 -7.03 7.38
CA LYS B 49 9.44 -7.12 7.42
C LYS B 49 9.98 -7.26 6.01
N GLN B 50 10.99 -6.48 5.69
CA GLN B 50 11.66 -6.70 4.43
C GLN B 50 12.29 -8.09 4.43
N THR B 51 12.29 -8.77 3.28
CA THR B 51 12.74 -10.17 3.24
C THR B 51 14.26 -10.30 2.99
N LEU B 52 14.87 -11.29 3.63
CA LEU B 52 16.31 -11.53 3.51
C LEU B 52 16.60 -12.80 2.71
N GLU B 53 17.58 -12.76 1.82
CA GLU B 53 18.00 -14.01 1.18
C GLU B 53 18.77 -14.88 2.16
N ARG B 54 19.56 -14.38 2.97
#